data_1UA3
#
_entry.id   1UA3
#
_cell.length_a   69.781
_cell.length_b   113.183
_cell.length_c   116.924
_cell.angle_alpha   90.00
_cell.angle_beta   90.00
_cell.angle_gamma   90.00
#
_symmetry.space_group_name_H-M   'P 21 21 21'
#
loop_
_entity.id
_entity.type
_entity.pdbx_description
1 polymer 'Alpha-amylase, pancreatic'
2 branched alpha-D-glucopyranose-(1-4)-alpha-D-glucopyranose
3 branched alpha-D-glucopyranose-(1-4)-alpha-D-glucopyranose-(1-4)-alpha-D-glucopyranose
4 non-polymer 'CHLORIDE ION'
5 non-polymer 'CALCIUM ION'
6 non-polymer beta-D-glucopyranose
7 non-polymer 1,2-ETHANEDIOL
8 water water
#
_entity_poly.entity_id   1
_entity_poly.type   'polypeptide(L)'
_entity_poly.pdbx_seq_one_letter_code
;QYAPQTQSGRTSIVHLFEWRWVDIALECERYLGPKGFGGVQVSPPNENIVVTNPSRPWWERYQPVSYKLCTRSGNENEFR
DMVTRCNNVGVRIYVDAVINHMCGSGAAAGTGTTCGSYCNPGNREFPAVPYSAWDFNDGKCKTASGGIESYNDPYQVRDC
QLVGLLDLALEKDYVRSMIADYLNKLIDIGVAGFRIDASKHMWPGDIKAVLDKLHNLNTNWFPAGSRPFIFQEVIDLGGE
AIKSSEYFGNGRVTEFKYGAKLGTVVRKWSGEKMSYLKNWGEGWGFMPSDRALVFVDNHDNQRGHGAGGSSILTFWDARL
YKIAVGFMLAHPYGFTRVMSSYRWARNFVNGEDVNDWIGPPNNNGVIKEVTINADTTCGNDWVCEHRWREIRNMVWFRNV
VDGQPFANWWDNGSNQVAFGRGNRGFIVFNNDDWQLSSTLQTGLPGGTYCDVISGDKVGNSCTGIKVYVSSDGTAQFSIS
NSAEDPFIAIHAESKL
;
_entity_poly.pdbx_strand_id   A
#
# COMPACT_ATOMS: atom_id res chain seq x y z
CA GLN A 1 -12.12 8.62 8.00
C GLN A 1 -10.68 8.20 8.31
N TYR A 2 -10.22 8.53 9.52
CA TYR A 2 -8.80 8.35 9.84
C TYR A 2 -8.51 7.00 10.48
N ALA A 3 -9.48 6.46 11.21
CA ALA A 3 -9.33 5.13 11.81
C ALA A 3 -9.36 4.06 10.73
N PRO A 4 -8.36 3.17 10.73
CA PRO A 4 -8.29 2.09 9.73
C PRO A 4 -9.45 1.11 9.79
N GLN A 5 -10.08 0.99 10.95
CA GLN A 5 -11.18 0.04 11.17
C GLN A 5 -10.75 -1.41 10.95
N THR A 6 -9.46 -1.69 11.12
CA THR A 6 -9.02 -3.06 11.34
C THR A 6 -9.55 -3.57 12.67
N GLN A 7 -9.62 -4.89 12.81
CA GLN A 7 -9.82 -5.51 14.11
C GLN A 7 -8.78 -5.00 15.11
N SER A 8 -9.22 -4.79 16.35
CA SER A 8 -8.37 -4.17 17.35
C SER A 8 -7.04 -4.92 17.47
N GLY A 9 -5.94 -4.17 17.43
CA GLY A 9 -4.64 -4.79 17.59
C GLY A 9 -4.02 -5.32 16.31
N ARG A 10 -4.76 -5.30 15.21
CA ARG A 10 -4.16 -5.55 13.91
C ARG A 10 -3.79 -4.24 13.23
N THR A 11 -2.52 -4.09 12.85
CA THR A 11 -1.96 -2.77 12.60
C THR A 11 -1.41 -2.54 11.18
N SER A 12 -1.58 -3.51 10.28
CA SER A 12 -1.15 -3.33 8.89
C SER A 12 -2.21 -3.80 7.89
N ILE A 13 -2.13 -3.26 6.69
CA ILE A 13 -2.77 -3.88 5.54
C ILE A 13 -1.75 -4.29 4.48
N VAL A 14 -2.14 -5.18 3.57
CA VAL A 14 -1.27 -5.62 2.51
C VAL A 14 -1.96 -5.37 1.18
N HIS A 15 -1.21 -4.86 0.21
CA HIS A 15 -1.69 -4.72 -1.17
C HIS A 15 -1.51 -6.04 -1.91
N LEU A 16 -2.61 -6.78 -2.09
CA LEU A 16 -2.54 -7.98 -2.92
C LEU A 16 -2.81 -7.63 -4.38
N PHE A 17 -1.77 -7.08 -5.01
CA PHE A 17 -1.86 -6.34 -6.27
C PHE A 17 -2.22 -7.32 -7.39
N GLU A 18 -3.34 -7.06 -8.07
CA GLU A 18 -3.84 -7.90 -9.16
C GLU A 18 -4.25 -9.34 -8.77
N TRP A 19 -4.34 -9.64 -7.48
CA TRP A 19 -4.86 -10.95 -7.06
C TRP A 19 -6.34 -11.10 -7.42
N ARG A 20 -6.74 -12.33 -7.79
CA ARG A 20 -8.15 -12.66 -7.98
C ARG A 20 -8.89 -12.79 -6.65
N TRP A 21 -10.19 -12.49 -6.67
CA TRP A 21 -10.99 -12.48 -5.46
C TRP A 21 -10.96 -13.81 -4.73
N VAL A 22 -11.02 -14.91 -5.48
CA VAL A 22 -11.07 -16.22 -4.85
C VAL A 22 -9.76 -16.56 -4.16
N ASP A 23 -8.65 -16.07 -4.71
CA ASP A 23 -7.35 -16.30 -4.09
C ASP A 23 -7.18 -15.48 -2.81
N ILE A 24 -7.68 -14.25 -2.83
CA ILE A 24 -7.66 -13.40 -1.65
C ILE A 24 -8.53 -14.00 -0.52
N ALA A 25 -9.71 -14.49 -0.89
CA ALA A 25 -10.59 -15.14 0.08
C ALA A 25 -9.86 -16.28 0.79
N LEU A 26 -9.23 -17.16 0.01
CA LEU A 26 -8.48 -18.27 0.56
C LEU A 26 -7.31 -17.76 1.42
N GLU A 27 -6.61 -16.74 0.92
CA GLU A 27 -5.46 -16.19 1.62
C GLU A 27 -5.86 -15.62 2.98
N CYS A 28 -7.01 -14.96 3.06
CA CYS A 28 -7.55 -14.52 4.35
C CYS A 28 -7.65 -15.69 5.33
N GLU A 29 -8.25 -16.79 4.87
CA GLU A 29 -8.56 -17.90 5.76
C GLU A 29 -7.31 -18.67 6.17
N ARG A 30 -6.41 -18.92 5.23
CA ARG A 30 -5.29 -19.81 5.49
C ARG A 30 -4.08 -19.09 6.07
N TYR A 31 -4.06 -17.76 5.97
CA TYR A 31 -2.83 -17.03 6.26
C TYR A 31 -3.04 -15.67 6.95
N LEU A 32 -3.76 -14.75 6.30
CA LEU A 32 -3.81 -13.37 6.78
C LEU A 32 -4.53 -13.28 8.12
N GLY A 33 -5.64 -14.01 8.26
CA GLY A 33 -6.31 -14.11 9.54
C GLY A 33 -5.40 -14.64 10.64
N PRO A 34 -4.90 -15.87 10.52
CA PRO A 34 -4.03 -16.46 11.53
C PRO A 34 -2.77 -15.64 11.84
N LYS A 35 -2.23 -14.95 10.84
CA LYS A 35 -0.97 -14.24 11.02
C LYS A 35 -1.15 -12.77 11.34
N GLY A 36 -2.38 -12.37 11.65
CA GLY A 36 -2.61 -11.09 12.32
C GLY A 36 -2.57 -9.88 11.40
N PHE A 37 -2.74 -10.10 10.11
CA PHE A 37 -2.83 -8.99 9.15
C PHE A 37 -4.17 -8.26 9.30
N GLY A 38 -4.13 -6.93 9.20
CA GLY A 38 -5.33 -6.15 9.40
C GLY A 38 -6.31 -6.20 8.24
N GLY A 39 -5.79 -6.32 7.02
CA GLY A 39 -6.64 -6.19 5.85
C GLY A 39 -5.89 -6.20 4.53
N VAL A 40 -6.63 -6.09 3.44
CA VAL A 40 -6.10 -6.22 2.10
C VAL A 40 -6.58 -5.02 1.27
N GLN A 41 -5.65 -4.30 0.67
CA GLN A 41 -6.00 -3.44 -0.45
C GLN A 41 -6.12 -4.27 -1.73
N VAL A 42 -7.29 -4.22 -2.35
CA VAL A 42 -7.53 -4.94 -3.59
C VAL A 42 -7.38 -4.00 -4.77
N SER A 43 -7.04 -4.56 -5.92
CA SER A 43 -7.05 -3.82 -7.17
C SER A 43 -8.48 -3.35 -7.49
N PRO A 44 -8.61 -2.33 -8.35
CA PRO A 44 -9.94 -1.79 -8.70
C PRO A 44 -10.94 -2.88 -9.12
N PRO A 45 -12.07 -2.99 -8.40
CA PRO A 45 -13.01 -4.10 -8.62
C PRO A 45 -14.09 -3.76 -9.66
N ASN A 46 -14.01 -2.56 -10.23
CA ASN A 46 -15.00 -2.10 -11.21
C ASN A 46 -14.50 -2.33 -12.63
N GLU A 47 -15.45 -2.51 -13.55
CA GLU A 47 -15.14 -2.84 -14.93
C GLU A 47 -14.21 -1.81 -15.56
N ASN A 48 -13.19 -2.28 -16.29
CA ASN A 48 -12.27 -1.39 -16.97
C ASN A 48 -12.19 -1.73 -18.47
N ILE A 49 -11.54 -0.84 -19.23
CA ILE A 49 -11.35 -1.07 -20.65
C ILE A 49 -10.29 -2.14 -20.86
N VAL A 50 -10.47 -2.98 -21.87
CA VAL A 50 -9.43 -3.93 -22.24
C VAL A 50 -8.39 -3.23 -23.10
N VAL A 51 -7.12 -3.36 -22.71
CA VAL A 51 -6.03 -2.85 -23.52
C VAL A 51 -5.27 -4.01 -24.15
N THR A 52 -5.19 -4.01 -25.47
CA THR A 52 -4.58 -5.13 -26.20
C THR A 52 -3.19 -4.75 -26.69
N ASN A 53 -2.89 -3.45 -26.67
CA ASN A 53 -1.58 -2.96 -27.04
C ASN A 53 -1.05 -2.00 -25.98
N PRO A 54 -0.14 -2.49 -25.11
CA PRO A 54 0.33 -3.87 -25.03
C PRO A 54 -0.73 -4.79 -24.44
N SER A 55 -0.42 -6.08 -24.33
CA SER A 55 -1.42 -7.10 -24.00
C SER A 55 -1.75 -7.10 -22.52
N ARG A 56 -2.88 -6.50 -22.16
CA ARG A 56 -3.44 -6.55 -20.82
C ARG A 56 -2.43 -6.07 -19.77
N PRO A 57 -1.99 -4.80 -19.88
CA PRO A 57 -1.11 -4.22 -18.86
C PRO A 57 -1.82 -4.09 -17.52
N TRP A 58 -1.06 -3.99 -16.43
CA TRP A 58 -1.67 -3.78 -15.12
C TRP A 58 -2.51 -2.51 -15.14
N TRP A 59 -2.03 -1.49 -15.85
CA TRP A 59 -2.64 -0.16 -15.74
C TRP A 59 -3.95 0.02 -16.50
N GLU A 60 -4.38 -1.00 -17.25
CA GLU A 60 -5.70 -0.95 -17.86
C GLU A 60 -6.80 -0.85 -16.80
N ARG A 61 -6.51 -1.33 -15.59
CA ARG A 61 -7.48 -1.33 -14.51
C ARG A 61 -7.69 0.06 -13.91
N TYR A 62 -6.90 1.03 -14.37
CA TYR A 62 -7.15 2.41 -13.96
C TYR A 62 -7.84 3.22 -15.06
N GLN A 63 -8.50 2.51 -15.96
CA GLN A 63 -9.38 3.15 -16.94
C GLN A 63 -10.79 2.56 -16.84
N PRO A 64 -11.62 3.10 -15.94
CA PRO A 64 -13.01 2.63 -15.74
C PRO A 64 -13.89 2.79 -16.99
N VAL A 65 -14.81 1.86 -17.19
CA VAL A 65 -15.88 2.04 -18.16
C VAL A 65 -17.27 1.86 -17.55
N SER A 66 -17.32 1.29 -16.35
CA SER A 66 -18.54 1.31 -15.54
C SER A 66 -18.20 1.00 -14.08
N TYR A 67 -19.22 0.87 -13.25
CA TYR A 67 -18.99 0.50 -11.86
C TYR A 67 -19.50 -0.91 -11.55
N LYS A 68 -19.78 -1.68 -12.60
CA LYS A 68 -20.02 -3.12 -12.44
C LYS A 68 -18.82 -3.80 -11.79
N LEU A 69 -19.09 -4.70 -10.85
CA LEU A 69 -18.02 -5.40 -10.16
C LEU A 69 -17.61 -6.64 -10.94
N CYS A 70 -16.76 -6.43 -11.93
CA CYS A 70 -16.62 -7.38 -13.03
C CYS A 70 -15.30 -7.13 -13.75
N THR A 71 -14.27 -7.88 -13.34
CA THR A 71 -12.90 -7.58 -13.72
C THR A 71 -12.17 -8.91 -13.90
N ARG A 72 -10.90 -8.85 -14.28
CA ARG A 72 -10.07 -10.04 -14.35
C ARG A 72 -9.85 -10.69 -12.98
N SER A 73 -10.12 -9.93 -11.92
CA SER A 73 -10.05 -10.51 -10.57
C SER A 73 -11.28 -11.35 -10.25
N GLY A 74 -12.39 -11.09 -10.95
CA GLY A 74 -13.60 -11.86 -10.72
C GLY A 74 -14.90 -11.06 -10.82
N ASN A 75 -16.03 -11.73 -10.61
CA ASN A 75 -17.33 -11.10 -10.80
C ASN A 75 -17.90 -10.69 -9.44
N GLU A 76 -19.12 -10.18 -9.42
CA GLU A 76 -19.69 -9.67 -8.18
C GLU A 76 -19.90 -10.76 -7.13
N ASN A 77 -20.37 -11.93 -7.55
CA ASN A 77 -20.52 -13.05 -6.62
C ASN A 77 -19.19 -13.35 -5.94
N GLU A 78 -18.13 -13.43 -6.73
CA GLU A 78 -16.82 -13.75 -6.21
C GLU A 78 -16.32 -12.64 -5.28
N PHE A 79 -16.54 -11.39 -5.67
CA PHE A 79 -16.17 -10.25 -4.82
C PHE A 79 -16.87 -10.29 -3.47
N ARG A 80 -18.19 -10.48 -3.48
CA ARG A 80 -18.96 -10.58 -2.25
C ARG A 80 -18.45 -11.73 -1.37
N ASP A 81 -18.23 -12.87 -2.00
CA ASP A 81 -17.73 -14.06 -1.30
C ASP A 81 -16.41 -13.73 -0.58
N MET A 82 -15.53 -12.99 -1.24
CA MET A 82 -14.24 -12.62 -0.66
C MET A 82 -14.40 -11.69 0.55
N VAL A 83 -15.23 -10.65 0.39
CA VAL A 83 -15.43 -9.71 1.48
C VAL A 83 -16.00 -10.44 2.71
N THR A 84 -17.03 -11.25 2.48
CA THR A 84 -17.63 -12.05 3.56
C THR A 84 -16.59 -12.93 4.26
N ARG A 85 -15.86 -13.72 3.47
CA ARG A 85 -15.00 -14.74 4.05
C ARG A 85 -13.83 -14.09 4.78
N CYS A 86 -13.34 -12.97 4.25
CA CYS A 86 -12.25 -12.25 4.88
C CYS A 86 -12.71 -11.57 6.17
N ASN A 87 -13.85 -10.88 6.11
CA ASN A 87 -14.40 -10.26 7.31
C ASN A 87 -14.63 -11.31 8.40
N ASN A 88 -15.04 -12.51 8.00
CA ASN A 88 -15.40 -13.54 8.98
C ASN A 88 -14.18 -14.10 9.74
N VAL A 89 -12.98 -13.89 9.20
CA VAL A 89 -11.78 -14.22 9.96
C VAL A 89 -11.00 -12.98 10.38
N GLY A 90 -11.68 -11.83 10.39
CA GLY A 90 -11.12 -10.64 10.99
C GLY A 90 -10.15 -9.88 10.09
N VAL A 91 -10.26 -10.09 8.79
CA VAL A 91 -9.38 -9.41 7.84
C VAL A 91 -10.20 -8.49 6.92
N ARG A 92 -9.87 -7.20 6.91
CA ARG A 92 -10.69 -6.21 6.22
C ARG A 92 -10.32 -6.10 4.74
N ILE A 93 -11.24 -5.54 3.96
CA ILE A 93 -11.03 -5.29 2.55
C ILE A 93 -11.12 -3.79 2.29
N TYR A 94 -10.11 -3.26 1.62
CA TYR A 94 -10.10 -1.85 1.23
C TYR A 94 -10.02 -1.75 -0.28
N VAL A 95 -10.94 -1.00 -0.87
CA VAL A 95 -11.07 -0.96 -2.32
C VAL A 95 -10.30 0.21 -2.91
N ASP A 96 -9.51 -0.07 -3.92
CA ASP A 96 -8.89 0.95 -4.76
C ASP A 96 -9.98 1.63 -5.62
N ALA A 97 -10.38 2.83 -5.21
CA ALA A 97 -11.52 3.52 -5.83
C ALA A 97 -11.04 4.49 -6.90
N VAL A 98 -11.31 4.15 -8.16
CA VAL A 98 -10.85 4.96 -9.29
C VAL A 98 -11.99 5.86 -9.76
N ILE A 99 -11.96 7.12 -9.36
CA ILE A 99 -13.15 7.97 -9.42
C ILE A 99 -12.90 9.33 -10.05
N ASN A 100 -11.64 9.62 -10.36
CA ASN A 100 -11.28 10.89 -10.99
C ASN A 100 -11.66 10.93 -12.47
N HIS A 101 -11.69 9.77 -13.09
CA HIS A 101 -11.72 9.67 -14.55
C HIS A 101 -12.40 8.37 -14.98
N MET A 102 -12.77 8.31 -16.25
CA MET A 102 -13.04 7.03 -16.89
C MET A 102 -11.84 6.63 -17.74
N CYS A 103 -12.07 6.05 -18.91
CA CYS A 103 -10.97 5.49 -19.70
C CYS A 103 -10.30 6.55 -20.59
N GLY A 104 -9.31 6.13 -21.38
CA GLY A 104 -8.61 7.06 -22.25
C GLY A 104 -9.53 7.72 -23.26
N SER A 105 -9.35 9.02 -23.47
CA SER A 105 -10.21 9.76 -24.38
C SER A 105 -9.95 9.34 -25.82
N GLY A 106 -8.84 8.65 -26.05
CA GLY A 106 -8.49 8.22 -27.38
C GLY A 106 -8.88 6.77 -27.68
N ALA A 107 -9.52 6.11 -26.71
CA ALA A 107 -9.87 4.71 -26.86
C ALA A 107 -10.99 4.52 -27.87
N ALA A 108 -11.04 3.34 -28.49
CA ALA A 108 -12.05 3.05 -29.50
C ALA A 108 -13.41 2.75 -28.87
N ALA A 109 -14.48 3.02 -29.61
CA ALA A 109 -15.83 2.69 -29.16
C ALA A 109 -16.11 1.20 -29.37
N GLY A 110 -16.88 0.61 -28.47
CA GLY A 110 -17.21 -0.80 -28.57
C GLY A 110 -17.40 -1.47 -27.23
N THR A 111 -17.33 -2.79 -27.22
CA THR A 111 -17.54 -3.56 -25.99
C THR A 111 -16.28 -4.34 -25.61
N GLY A 112 -15.12 -3.81 -26.01
CA GLY A 112 -13.86 -4.34 -25.56
C GLY A 112 -13.54 -3.95 -24.12
N THR A 113 -14.28 -4.56 -23.19
CA THR A 113 -14.30 -4.13 -21.80
C THR A 113 -14.39 -5.39 -20.95
N THR A 114 -14.07 -5.31 -19.66
CA THR A 114 -13.89 -6.53 -18.90
C THR A 114 -15.21 -7.20 -18.53
N CYS A 115 -16.32 -6.49 -18.67
CA CYS A 115 -17.64 -7.13 -18.55
C CYS A 115 -18.47 -7.06 -19.83
N GLY A 116 -17.90 -6.48 -20.88
CA GLY A 116 -18.61 -6.39 -22.14
C GLY A 116 -19.61 -5.25 -22.23
N SER A 117 -19.57 -4.34 -21.26
CA SER A 117 -20.33 -3.11 -21.39
C SER A 117 -19.88 -2.33 -22.61
N TYR A 118 -20.81 -1.58 -23.21
CA TYR A 118 -20.47 -0.65 -24.28
C TYR A 118 -19.95 0.66 -23.72
N CYS A 119 -19.01 1.28 -24.42
CA CYS A 119 -18.74 2.69 -24.23
C CYS A 119 -18.27 3.30 -25.54
N ASN A 120 -18.42 4.61 -25.65
CA ASN A 120 -17.89 5.36 -26.78
C ASN A 120 -17.08 6.53 -26.23
N PRO A 121 -15.79 6.30 -25.97
CA PRO A 121 -14.96 7.30 -25.30
C PRO A 121 -14.90 8.63 -26.07
N GLY A 122 -14.76 8.54 -27.39
CA GLY A 122 -14.73 9.74 -28.21
C GLY A 122 -15.95 10.65 -28.00
N ASN A 123 -17.12 10.04 -27.84
CA ASN A 123 -18.33 10.80 -27.58
C ASN A 123 -18.67 10.85 -26.09
N ARG A 124 -17.77 10.37 -25.24
CA ARG A 124 -17.94 10.48 -23.80
C ARG A 124 -19.18 9.73 -23.32
N GLU A 125 -19.47 8.60 -23.97
CA GLU A 125 -20.67 7.80 -23.68
C GLU A 125 -20.31 6.60 -22.81
N PHE A 126 -20.85 6.55 -21.61
CA PHE A 126 -20.72 5.34 -20.79
C PHE A 126 -22.09 4.92 -20.25
N PRO A 127 -22.90 4.28 -21.10
CA PRO A 127 -24.30 4.01 -20.78
C PRO A 127 -24.49 3.02 -19.62
N ALA A 128 -23.46 2.26 -19.30
CA ALA A 128 -23.55 1.32 -18.18
C ALA A 128 -23.53 2.04 -16.84
N VAL A 129 -23.26 3.34 -16.85
CA VAL A 129 -23.19 4.08 -15.60
C VAL A 129 -24.51 4.70 -15.16
N PRO A 130 -25.12 5.57 -15.99
CA PRO A 130 -24.66 6.16 -17.24
C PRO A 130 -23.94 7.50 -17.04
N TYR A 131 -22.92 7.75 -17.84
CA TYR A 131 -22.33 9.07 -18.00
C TYR A 131 -22.50 9.52 -19.45
N SER A 132 -22.62 10.83 -19.66
CA SER A 132 -22.49 11.39 -21.00
C SER A 132 -21.57 12.59 -20.98
N ALA A 133 -21.45 13.27 -22.12
CA ALA A 133 -20.50 14.37 -22.27
C ALA A 133 -20.69 15.45 -21.20
N TRP A 134 -21.93 15.66 -20.78
CA TRP A 134 -22.22 16.64 -19.72
C TRP A 134 -21.51 16.32 -18.41
N ASP A 135 -21.00 15.10 -18.30
CA ASP A 135 -20.50 14.61 -17.02
C ASP A 135 -18.98 14.66 -16.93
N PHE A 136 -18.34 15.34 -17.88
CA PHE A 136 -16.88 15.44 -17.91
C PHE A 136 -16.40 16.89 -17.99
N ASN A 137 -15.13 17.10 -17.71
CA ASN A 137 -14.58 18.43 -17.46
C ASN A 137 -14.08 19.15 -18.71
N ASP A 138 -14.41 18.64 -19.89
CA ASP A 138 -13.74 19.12 -21.10
C ASP A 138 -13.77 20.64 -21.25
N GLY A 139 -14.91 21.27 -20.98
CA GLY A 139 -15.02 22.71 -21.09
C GLY A 139 -14.32 23.48 -19.98
N LYS A 140 -14.22 22.86 -18.80
CA LYS A 140 -13.66 23.52 -17.63
C LYS A 140 -12.14 23.65 -17.71
N CYS A 141 -11.49 22.71 -18.40
CA CYS A 141 -10.05 22.72 -18.57
C CYS A 141 -9.64 23.83 -19.54
N LYS A 142 -8.63 24.61 -19.17
CA LYS A 142 -8.26 25.81 -19.93
C LYS A 142 -6.95 25.67 -20.73
N THR A 143 -6.33 24.51 -20.70
CA THR A 143 -5.11 24.32 -21.49
C THR A 143 -5.44 24.04 -22.95
N ALA A 144 -4.50 24.38 -23.83
CA ALA A 144 -4.74 24.24 -25.26
C ALA A 144 -4.85 22.76 -25.65
N SER A 145 -4.14 21.90 -24.93
CA SER A 145 -4.15 20.48 -25.25
C SER A 145 -5.34 19.76 -24.63
N GLY A 146 -5.95 20.36 -23.61
CA GLY A 146 -6.92 19.64 -22.81
C GLY A 146 -6.29 18.70 -21.81
N GLY A 147 -4.96 18.64 -21.83
CA GLY A 147 -4.24 17.85 -20.85
C GLY A 147 -3.54 18.68 -19.80
N ILE A 148 -3.01 18.01 -18.77
CA ILE A 148 -2.18 18.67 -17.78
C ILE A 148 -0.83 19.02 -18.40
N GLU A 149 -0.51 20.30 -18.44
CA GLU A 149 0.73 20.74 -19.06
C GLU A 149 1.74 21.24 -18.03
N SER A 150 1.24 21.73 -16.90
CA SER A 150 2.08 22.23 -15.83
C SER A 150 1.49 21.86 -14.47
N TYR A 151 2.28 21.20 -13.64
CA TYR A 151 1.84 20.88 -12.28
C TYR A 151 1.98 22.07 -11.34
N ASN A 152 2.52 23.17 -11.85
CA ASN A 152 2.58 24.39 -11.05
C ASN A 152 1.22 25.09 -10.95
N ASP A 153 0.26 24.66 -11.77
CA ASP A 153 -1.07 25.27 -11.77
C ASP A 153 -2.13 24.28 -11.30
N PRO A 154 -2.58 24.43 -10.04
CA PRO A 154 -3.52 23.46 -9.46
C PRO A 154 -4.80 23.26 -10.27
N TYR A 155 -5.20 24.28 -11.02
CA TYR A 155 -6.44 24.19 -11.80
C TYR A 155 -6.33 23.19 -12.93
N GLN A 156 -5.27 23.31 -13.73
CA GLN A 156 -4.89 22.30 -14.73
C GLN A 156 -4.91 20.90 -14.16
N VAL A 157 -4.24 20.75 -13.03
CA VAL A 157 -3.96 19.44 -12.48
C VAL A 157 -5.28 18.77 -12.15
N ARG A 158 -6.26 19.58 -11.76
CA ARG A 158 -7.53 19.06 -11.28
C ARG A 158 -8.60 19.04 -12.36
N ASP A 159 -8.48 19.91 -13.36
CA ASP A 159 -9.61 20.12 -14.27
C ASP A 159 -9.33 19.52 -15.65
N CYS A 160 -8.08 19.13 -15.89
CA CYS A 160 -7.68 18.66 -17.21
C CYS A 160 -7.35 17.18 -17.19
N GLN A 161 -7.10 16.60 -18.36
CA GLN A 161 -6.94 15.16 -18.48
C GLN A 161 -5.56 14.72 -18.02
N LEU A 162 -5.54 13.74 -17.10
CA LEU A 162 -4.30 13.09 -16.71
C LEU A 162 -3.97 11.99 -17.71
N VAL A 163 -2.78 12.07 -18.31
CA VAL A 163 -2.38 11.24 -19.45
C VAL A 163 -3.56 10.77 -20.31
N GLY A 164 -4.37 11.73 -20.76
CA GLY A 164 -5.37 11.44 -21.78
C GLY A 164 -6.65 10.85 -21.22
N LEU A 165 -6.74 10.72 -19.90
CA LEU A 165 -7.90 10.08 -19.27
C LEU A 165 -9.08 11.04 -19.19
N LEU A 166 -10.25 10.58 -19.62
CA LEU A 166 -11.44 11.40 -19.57
C LEU A 166 -11.77 11.83 -18.14
N ASP A 167 -11.84 13.14 -17.92
CA ASP A 167 -11.85 13.70 -16.58
C ASP A 167 -13.27 14.00 -16.09
N LEU A 168 -13.72 13.27 -15.08
CA LEU A 168 -15.10 13.39 -14.62
C LEU A 168 -15.34 14.75 -13.98
N ALA A 169 -16.54 15.29 -14.16
CA ALA A 169 -16.88 16.61 -13.63
C ALA A 169 -17.31 16.50 -12.17
N LEU A 170 -16.32 16.42 -11.28
CA LEU A 170 -16.56 16.06 -9.88
C LEU A 170 -17.28 17.17 -9.13
N GLU A 171 -17.45 18.32 -9.78
CA GLU A 171 -18.24 19.42 -9.21
C GLU A 171 -19.74 19.09 -9.18
N LYS A 172 -20.19 18.27 -10.14
CA LYS A 172 -21.62 18.04 -10.32
C LYS A 172 -22.14 17.04 -9.30
N ASP A 173 -23.32 17.32 -8.74
CA ASP A 173 -23.91 16.39 -7.79
C ASP A 173 -24.26 15.06 -8.44
N TYR A 174 -24.65 15.11 -9.71
CA TYR A 174 -24.94 13.90 -10.46
C TYR A 174 -23.73 12.96 -10.43
N VAL A 175 -22.56 13.51 -10.71
CA VAL A 175 -21.35 12.71 -10.77
C VAL A 175 -20.91 12.26 -9.37
N ARG A 176 -20.89 13.19 -8.43
CA ARG A 176 -20.61 12.85 -7.04
C ARG A 176 -21.50 11.70 -6.56
N SER A 177 -22.76 11.71 -6.98
CA SER A 177 -23.75 10.76 -6.48
C SER A 177 -23.61 9.41 -7.15
N MET A 178 -23.26 9.42 -8.43
N MET A 178 -23.26 9.42 -8.43
CA MET A 178 -22.96 8.19 -9.16
CA MET A 178 -22.96 8.19 -9.15
C MET A 178 -21.78 7.46 -8.51
C MET A 178 -21.79 7.47 -8.49
N ILE A 179 -20.74 8.22 -8.17
CA ILE A 179 -19.58 7.66 -7.50
C ILE A 179 -19.95 7.14 -6.11
N ALA A 180 -20.68 7.95 -5.34
CA ALA A 180 -21.13 7.55 -4.01
C ALA A 180 -21.96 6.26 -4.03
N ASP A 181 -22.81 6.11 -5.05
CA ASP A 181 -23.67 4.93 -5.15
C ASP A 181 -22.82 3.68 -5.31
N TYR A 182 -21.78 3.79 -6.14
CA TYR A 182 -20.80 2.72 -6.30
C TYR A 182 -20.12 2.40 -4.96
N LEU A 183 -19.56 3.43 -4.31
CA LEU A 183 -18.84 3.21 -3.07
C LEU A 183 -19.76 2.65 -2.00
N ASN A 184 -21.00 3.15 -1.96
CA ASN A 184 -21.95 2.71 -0.94
C ASN A 184 -22.39 1.25 -1.12
N LYS A 185 -22.51 0.83 -2.37
CA LYS A 185 -22.76 -0.59 -2.64
C LYS A 185 -21.63 -1.45 -2.06
N LEU A 186 -20.39 -0.99 -2.27
CA LEU A 186 -19.22 -1.69 -1.74
C LEU A 186 -19.22 -1.74 -0.22
N ILE A 187 -19.54 -0.60 0.42
CA ILE A 187 -19.58 -0.55 1.87
C ILE A 187 -20.62 -1.52 2.41
N ASP A 188 -21.81 -1.53 1.81
CA ASP A 188 -22.87 -2.38 2.30
C ASP A 188 -22.51 -3.85 2.13
N ILE A 189 -21.76 -4.16 1.08
CA ILE A 189 -21.22 -5.51 0.90
C ILE A 189 -20.27 -5.88 2.04
N GLY A 190 -19.55 -4.90 2.58
CA GLY A 190 -18.78 -5.14 3.78
C GLY A 190 -17.35 -4.63 3.71
N VAL A 191 -17.04 -3.86 2.67
CA VAL A 191 -15.74 -3.20 2.54
C VAL A 191 -15.53 -2.21 3.70
N ALA A 192 -14.28 -2.05 4.14
CA ALA A 192 -14.00 -1.25 5.34
C ALA A 192 -13.56 0.17 5.01
N GLY A 193 -13.19 0.41 3.75
CA GLY A 193 -12.65 1.70 3.37
C GLY A 193 -12.02 1.70 1.97
N PHE A 194 -11.35 2.79 1.62
CA PHE A 194 -11.01 3.09 0.24
C PHE A 194 -9.66 3.76 0.14
N ARG A 195 -8.83 3.29 -0.78
CA ARG A 195 -7.83 4.13 -1.43
C ARG A 195 -8.51 5.02 -2.46
N ILE A 196 -8.40 6.34 -2.29
CA ILE A 196 -8.90 7.25 -3.31
C ILE A 196 -7.81 7.53 -4.34
N ASP A 197 -7.94 6.87 -5.48
CA ASP A 197 -6.96 6.93 -6.55
C ASP A 197 -6.87 8.36 -7.11
N ALA A 198 -5.65 8.80 -7.41
CA ALA A 198 -5.43 10.04 -8.14
C ALA A 198 -6.07 11.24 -7.45
N SER A 199 -5.97 11.29 -6.12
CA SER A 199 -6.61 12.36 -5.37
C SER A 199 -6.02 13.74 -5.66
N LYS A 200 -4.75 13.80 -6.05
CA LYS A 200 -4.13 15.06 -6.41
C LYS A 200 -4.94 15.74 -7.50
N HIS A 201 -5.56 14.92 -8.34
CA HIS A 201 -6.20 15.41 -9.54
C HIS A 201 -7.67 15.72 -9.29
N MET A 202 -8.07 15.72 -8.03
CA MET A 202 -9.40 16.19 -7.68
C MET A 202 -9.29 17.31 -6.64
N TRP A 203 -10.28 18.19 -6.61
CA TRP A 203 -10.36 19.20 -5.56
C TRP A 203 -10.73 18.53 -4.23
N PRO A 204 -10.01 18.88 -3.16
CA PRO A 204 -10.36 18.39 -1.82
C PRO A 204 -11.85 18.48 -1.51
N GLY A 205 -12.46 19.59 -1.91
CA GLY A 205 -13.86 19.82 -1.61
C GLY A 205 -14.79 18.91 -2.39
N ASP A 206 -14.42 18.58 -3.61
CA ASP A 206 -15.19 17.62 -4.40
C ASP A 206 -15.13 16.23 -3.76
N ILE A 207 -13.93 15.80 -3.37
CA ILE A 207 -13.79 14.52 -2.69
C ILE A 207 -14.64 14.51 -1.42
N LYS A 208 -14.56 15.60 -0.66
CA LYS A 208 -15.33 15.72 0.57
C LYS A 208 -16.81 15.51 0.28
N ALA A 209 -17.30 16.07 -0.83
CA ALA A 209 -18.73 16.03 -1.13
C ALA A 209 -19.16 14.61 -1.48
N VAL A 210 -18.26 13.83 -2.08
CA VAL A 210 -18.50 12.41 -2.28
C VAL A 210 -18.51 11.66 -0.95
N LEU A 211 -17.49 11.88 -0.13
CA LEU A 211 -17.33 11.12 1.11
C LEU A 211 -18.51 11.38 2.06
N ASP A 212 -19.06 12.59 2.02
CA ASP A 212 -20.14 12.96 2.92
C ASP A 212 -21.38 12.12 2.65
N LYS A 213 -21.41 11.44 1.50
CA LYS A 213 -22.59 10.67 1.10
C LYS A 213 -22.53 9.22 1.54
N LEU A 214 -21.45 8.83 2.21
CA LEU A 214 -21.14 7.41 2.37
C LEU A 214 -21.81 6.81 3.60
N HIS A 215 -22.24 5.56 3.46
CA HIS A 215 -22.84 4.80 4.56
C HIS A 215 -21.82 4.55 5.67
N ASN A 216 -22.32 4.38 6.91
CA ASN A 216 -21.59 3.67 7.94
C ASN A 216 -21.33 2.22 7.55
N LEU A 217 -20.28 1.64 8.13
CA LEU A 217 -19.86 0.29 7.78
C LEU A 217 -20.88 -0.75 8.28
N ASN A 218 -20.82 -1.93 7.69
CA ASN A 218 -21.81 -2.98 7.88
C ASN A 218 -21.68 -3.57 9.29
N THR A 219 -22.76 -3.51 10.07
CA THR A 219 -22.69 -3.87 11.49
C THR A 219 -22.64 -5.39 11.71
N ASN A 220 -22.70 -6.16 10.64
CA ASN A 220 -22.37 -7.58 10.74
C ASN A 220 -20.95 -7.75 11.29
N TRP A 221 -20.08 -6.78 11.01
CA TRP A 221 -18.65 -6.94 11.28
C TRP A 221 -18.04 -5.75 11.99
N PHE A 222 -18.70 -4.61 11.94
CA PHE A 222 -18.16 -3.39 12.52
C PHE A 222 -19.12 -2.82 13.57
N PRO A 223 -18.58 -2.14 14.59
CA PRO A 223 -19.40 -1.36 15.52
C PRO A 223 -20.31 -0.37 14.80
N ALA A 224 -21.53 -0.21 15.31
CA ALA A 224 -22.43 0.83 14.84
C ALA A 224 -21.67 2.15 14.77
N GLY A 225 -22.01 2.99 13.79
CA GLY A 225 -21.44 4.32 13.75
C GLY A 225 -20.03 4.39 13.16
N SER A 226 -19.57 3.29 12.57
CA SER A 226 -18.21 3.25 12.03
C SER A 226 -18.13 3.91 10.64
N ARG A 227 -17.23 4.87 10.50
CA ARG A 227 -16.99 5.52 9.22
C ARG A 227 -15.92 4.76 8.42
N PRO A 228 -16.10 4.66 7.10
CA PRO A 228 -15.08 4.00 6.28
C PRO A 228 -13.72 4.68 6.38
N PHE A 229 -12.67 3.87 6.51
CA PHE A 229 -11.29 4.34 6.38
C PHE A 229 -11.04 4.95 5.01
N ILE A 230 -10.46 6.14 5.00
CA ILE A 230 -10.13 6.82 3.74
C ILE A 230 -8.63 7.12 3.72
N PHE A 231 -7.92 6.56 2.75
CA PHE A 231 -6.61 7.09 2.42
C PHE A 231 -6.47 7.52 0.96
N GLN A 232 -6.03 8.76 0.78
CA GLN A 232 -6.04 9.42 -0.52
C GLN A 232 -4.65 9.37 -1.15
N GLU A 233 -4.56 8.88 -2.38
CA GLU A 233 -3.29 8.91 -3.10
C GLU A 233 -2.99 10.33 -3.55
N VAL A 234 -2.12 10.99 -2.81
CA VAL A 234 -1.50 12.25 -3.24
C VAL A 234 0.00 12.09 -3.22
N ILE A 235 0.64 12.21 -4.37
CA ILE A 235 2.09 12.25 -4.41
C ILE A 235 2.57 13.67 -4.17
N ASP A 236 3.10 13.92 -2.98
CA ASP A 236 3.65 15.22 -2.65
C ASP A 236 4.99 15.08 -1.97
N LEU A 237 6.07 15.20 -2.73
CA LEU A 237 7.41 15.05 -2.19
C LEU A 237 7.95 16.40 -1.73
N GLY A 238 7.06 17.39 -1.65
CA GLY A 238 7.49 18.71 -1.23
C GLY A 238 7.83 19.60 -2.41
N GLY A 239 7.83 20.91 -2.20
CA GLY A 239 8.27 21.82 -3.25
C GLY A 239 7.44 21.76 -4.51
N GLU A 240 6.13 21.60 -4.36
CA GLU A 240 5.22 21.73 -5.50
C GLU A 240 3.90 22.39 -5.10
N ALA A 241 3.07 22.70 -6.09
CA ALA A 241 1.99 23.64 -5.87
C ALA A 241 0.91 23.00 -4.98
N ILE A 242 0.62 21.73 -5.23
CA ILE A 242 -0.40 21.02 -4.45
C ILE A 242 0.24 20.29 -3.30
N LYS A 243 -0.30 20.48 -2.10
CA LYS A 243 0.27 19.88 -0.90
C LYS A 243 -0.64 18.81 -0.30
N SER A 244 -0.04 17.76 0.25
CA SER A 244 -0.76 16.72 0.98
C SER A 244 -1.76 17.31 1.97
N SER A 245 -1.34 18.36 2.67
CA SER A 245 -2.12 18.87 3.79
C SER A 245 -3.49 19.37 3.33
N GLU A 246 -3.61 19.72 2.05
CA GLU A 246 -4.88 20.15 1.48
C GLU A 246 -5.98 19.11 1.63
N TYR A 247 -5.58 17.85 1.85
CA TYR A 247 -6.51 16.73 1.84
C TYR A 247 -6.77 16.15 3.24
N PHE A 248 -6.16 16.75 4.26
CA PHE A 248 -6.26 16.24 5.63
C PHE A 248 -7.70 16.20 6.16
N GLY A 249 -8.54 17.09 5.64
CA GLY A 249 -9.92 17.14 6.10
C GLY A 249 -10.74 15.93 5.70
N ASN A 250 -10.27 15.18 4.71
CA ASN A 250 -11.08 14.12 4.10
C ASN A 250 -10.76 12.75 4.70
N GLY A 251 -9.58 12.62 5.28
CA GLY A 251 -9.07 11.31 5.63
C GLY A 251 -7.56 11.31 5.63
N ARG A 252 -6.95 10.13 5.73
CA ARG A 252 -5.50 10.01 5.64
C ARG A 252 -5.00 10.28 4.22
N VAL A 253 -3.68 10.46 4.10
CA VAL A 253 -3.04 10.65 2.81
C VAL A 253 -1.80 9.75 2.72
N THR A 254 -1.54 9.22 1.54
CA THR A 254 -0.29 8.53 1.26
C THR A 254 0.89 9.48 1.49
N GLU A 255 1.83 9.07 2.34
CA GLU A 255 3.04 9.85 2.54
C GLU A 255 4.16 9.29 1.67
N PHE A 256 4.26 9.78 0.44
CA PHE A 256 5.24 9.26 -0.51
C PHE A 256 6.66 9.71 -0.16
N LYS A 257 6.79 10.73 0.68
CA LYS A 257 8.11 11.11 1.17
C LYS A 257 8.73 9.92 1.91
N TYR A 258 7.87 9.10 2.50
CA TYR A 258 8.31 8.06 3.42
C TYR A 258 9.24 7.07 2.71
N GLY A 259 8.75 6.46 1.64
CA GLY A 259 9.55 5.45 0.95
C GLY A 259 10.69 6.06 0.15
N ALA A 260 10.48 7.25 -0.39
CA ALA A 260 11.52 7.92 -1.15
C ALA A 260 12.72 8.21 -0.26
N LYS A 261 12.47 8.81 0.90
CA LYS A 261 13.55 9.17 1.80
C LYS A 261 14.21 7.92 2.37
N LEU A 262 13.40 6.93 2.74
CA LEU A 262 13.90 5.75 3.45
C LEU A 262 14.74 4.90 2.49
N GLY A 263 14.27 4.76 1.27
CA GLY A 263 15.04 4.07 0.25
C GLY A 263 16.40 4.70 0.04
N THR A 264 16.43 6.03 -0.05
CA THR A 264 17.69 6.75 -0.24
C THR A 264 18.64 6.52 0.92
N VAL A 265 18.09 6.54 2.14
CA VAL A 265 18.88 6.30 3.35
C VAL A 265 19.46 4.89 3.40
N VAL A 266 18.61 3.90 3.16
CA VAL A 266 19.03 2.51 3.31
C VAL A 266 19.97 2.08 2.17
N ARG A 267 19.82 2.69 1.00
CA ARG A 267 20.80 2.54 -0.08
C ARG A 267 22.09 3.31 0.21
N LYS A 268 22.05 4.16 1.22
CA LYS A 268 23.17 5.05 1.51
C LYS A 268 23.55 5.93 0.30
N TRP A 269 22.53 6.53 -0.32
CA TRP A 269 22.76 7.46 -1.42
C TRP A 269 22.79 8.90 -0.92
N SER A 270 23.40 9.78 -1.70
CA SER A 270 23.31 11.22 -1.44
C SER A 270 23.87 11.59 -0.07
N GLY A 271 24.78 10.78 0.44
CA GLY A 271 25.37 11.05 1.74
C GLY A 271 24.51 10.63 2.92
N GLU A 272 23.38 10.00 2.66
CA GLU A 272 22.42 9.71 3.72
C GLU A 272 22.90 8.51 4.54
N LYS A 273 22.61 8.54 5.85
CA LYS A 273 22.99 7.45 6.75
C LYS A 273 21.82 7.06 7.66
N MET A 274 21.78 5.79 8.05
CA MET A 274 20.69 5.33 8.91
C MET A 274 20.65 6.05 10.25
N SER A 275 21.80 6.52 10.72
CA SER A 275 21.81 7.24 12.00
C SER A 275 20.98 8.52 11.92
N TYR A 276 20.75 9.02 10.71
CA TYR A 276 19.92 10.21 10.53
C TYR A 276 18.44 9.93 10.86
N LEU A 277 18.07 8.66 10.96
CA LEU A 277 16.67 8.30 11.15
C LEU A 277 16.18 8.49 12.58
N LYS A 278 17.03 9.00 13.46
CA LYS A 278 16.64 9.14 14.87
C LYS A 278 15.34 9.91 15.05
N ASN A 279 15.16 10.96 14.25
CA ASN A 279 13.96 11.81 14.34
C ASN A 279 13.02 11.53 13.17
N TRP A 280 13.06 10.30 12.67
CA TRP A 280 12.14 9.84 11.63
C TRP A 280 10.69 10.19 11.95
N GLY A 281 9.94 10.61 10.93
CA GLY A 281 8.58 11.04 11.15
C GLY A 281 8.41 12.51 10.83
N GLU A 282 7.66 13.22 11.67
N GLU A 282 7.67 13.22 11.68
CA GLU A 282 7.47 14.65 11.52
CA GLU A 282 7.47 14.65 11.48
C GLU A 282 8.81 15.36 11.44
C GLU A 282 8.79 15.42 11.50
N GLY A 283 9.78 14.87 12.22
CA GLY A 283 11.10 15.47 12.23
C GLY A 283 11.75 15.52 10.87
N TRP A 284 11.32 14.65 9.96
CA TRP A 284 11.80 14.68 8.58
C TRP A 284 10.87 15.51 7.68
N GLY A 285 9.93 16.20 8.29
CA GLY A 285 9.04 17.08 7.54
C GLY A 285 7.83 16.36 6.98
N PHE A 286 7.55 15.16 7.50
CA PHE A 286 6.41 14.38 7.03
C PHE A 286 5.10 14.95 7.60
N MET A 287 3.98 14.55 7.00
CA MET A 287 2.67 14.87 7.58
C MET A 287 2.51 14.24 8.96
N PRO A 288 1.49 14.69 9.73
CA PRO A 288 1.28 14.10 11.05
C PRO A 288 1.07 12.59 10.95
N SER A 289 1.60 11.86 11.92
CA SER A 289 1.47 10.41 11.94
C SER A 289 0.01 9.98 11.77
N ASP A 290 -0.90 10.68 12.45
CA ASP A 290 -2.29 10.26 12.44
C ASP A 290 -3.02 10.67 11.16
N ARG A 291 -2.27 11.23 10.21
CA ARG A 291 -2.81 11.45 8.88
C ARG A 291 -2.18 10.55 7.82
N ALA A 292 -1.15 9.79 8.20
CA ALA A 292 -0.27 9.16 7.22
C ALA A 292 -0.62 7.69 6.95
N LEU A 293 -0.68 7.34 5.66
CA LEU A 293 -0.57 5.97 5.19
C LEU A 293 0.85 5.80 4.64
N VAL A 294 1.62 4.88 5.21
CA VAL A 294 3.03 4.76 4.86
C VAL A 294 3.32 3.39 4.24
N PHE A 295 4.43 3.32 3.51
CA PHE A 295 4.80 2.14 2.75
C PHE A 295 6.20 2.36 2.23
N VAL A 296 6.89 1.26 1.96
CA VAL A 296 8.23 1.34 1.40
C VAL A 296 8.17 1.50 -0.12
N ASP A 297 7.42 0.61 -0.78
CA ASP A 297 7.06 0.81 -2.18
C ASP A 297 5.55 0.64 -2.38
N ASN A 298 5.04 1.14 -3.50
CA ASN A 298 3.68 0.78 -3.94
C ASN A 298 3.70 0.26 -5.38
N HIS A 299 2.53 -0.03 -5.91
CA HIS A 299 2.46 -0.77 -7.17
C HIS A 299 3.00 0.08 -8.32
N ASP A 300 2.85 1.39 -8.21
CA ASP A 300 3.41 2.31 -9.19
C ASP A 300 4.94 2.37 -9.12
N ASN A 301 5.47 2.78 -7.97
CA ASN A 301 6.87 3.20 -7.96
C ASN A 301 7.85 2.04 -7.78
N GLN A 302 7.33 0.84 -7.54
CA GLN A 302 8.17 -0.36 -7.57
C GLN A 302 8.67 -0.66 -8.98
N ARG A 303 8.11 0.03 -9.97
CA ARG A 303 8.56 -0.12 -11.35
C ARG A 303 9.52 0.98 -11.78
N GLY A 304 9.64 2.02 -10.97
CA GLY A 304 10.96 2.57 -10.69
C GLY A 304 11.16 3.93 -11.33
N HIS A 305 10.12 4.44 -11.98
CA HIS A 305 10.08 5.87 -12.28
C HIS A 305 8.76 6.47 -11.80
N GLY A 306 8.38 6.10 -10.59
CA GLY A 306 7.33 6.81 -9.88
C GLY A 306 7.92 7.72 -8.84
N ALA A 307 7.07 8.21 -7.94
CA ALA A 307 7.52 8.91 -6.73
C ALA A 307 8.67 8.15 -6.05
N GLY A 308 9.85 8.77 -6.04
CA GLY A 308 11.00 8.16 -5.40
C GLY A 308 12.02 7.71 -6.41
N GLY A 309 11.58 7.47 -7.64
CA GLY A 309 12.47 7.02 -8.70
C GLY A 309 13.24 5.77 -8.32
N SER A 310 14.53 5.74 -8.62
CA SER A 310 15.29 4.52 -8.43
C SER A 310 15.72 4.29 -6.99
N SER A 311 15.47 5.28 -6.12
CA SER A 311 15.78 5.09 -4.70
C SER A 311 14.81 4.12 -4.02
N ILE A 312 13.61 3.98 -4.58
CA ILE A 312 12.60 3.09 -4.02
C ILE A 312 13.13 1.65 -3.94
N LEU A 313 13.04 1.07 -2.75
CA LEU A 313 13.43 -0.33 -2.57
C LEU A 313 12.24 -1.26 -2.82
N THR A 314 12.54 -2.41 -3.43
CA THR A 314 11.50 -3.37 -3.85
C THR A 314 12.00 -4.78 -3.61
N PHE A 315 11.13 -5.76 -3.86
CA PHE A 315 11.50 -7.16 -3.73
C PHE A 315 12.72 -7.53 -4.60
N TRP A 316 12.97 -6.72 -5.63
CA TRP A 316 14.15 -6.91 -6.49
C TRP A 316 15.45 -6.71 -5.70
N ASP A 317 15.38 -5.88 -4.66
CA ASP A 317 16.52 -5.64 -3.79
C ASP A 317 16.28 -6.27 -2.42
N ALA A 318 16.09 -7.59 -2.38
CA ALA A 318 15.39 -8.22 -1.27
C ALA A 318 16.05 -7.91 0.08
N ARG A 319 17.38 -7.96 0.12
CA ARG A 319 18.08 -7.84 1.39
C ARG A 319 17.84 -6.48 2.03
N LEU A 320 18.11 -5.41 1.27
CA LEU A 320 17.87 -4.05 1.76
C LEU A 320 16.38 -3.77 1.93
N TYR A 321 15.56 -4.37 1.08
CA TYR A 321 14.11 -4.23 1.17
C TYR A 321 13.57 -4.69 2.52
N LYS A 322 14.03 -5.85 2.98
CA LYS A 322 13.59 -6.37 4.27
C LYS A 322 14.04 -5.47 5.42
N ILE A 323 15.21 -4.87 5.28
CA ILE A 323 15.65 -3.89 6.25
C ILE A 323 14.72 -2.68 6.32
N ALA A 324 14.38 -2.12 5.16
CA ALA A 324 13.52 -0.95 5.11
C ALA A 324 12.14 -1.28 5.65
N VAL A 325 11.59 -2.43 5.24
CA VAL A 325 10.26 -2.81 5.67
C VAL A 325 10.28 -3.08 7.18
N GLY A 326 11.37 -3.69 7.65
CA GLY A 326 11.52 -3.93 9.06
C GLY A 326 11.55 -2.66 9.87
N PHE A 327 12.35 -1.68 9.43
CA PHE A 327 12.38 -0.39 10.09
C PHE A 327 10.98 0.24 10.12
N MET A 328 10.30 0.23 8.99
CA MET A 328 8.97 0.84 8.91
C MET A 328 8.01 0.18 9.91
N LEU A 329 8.00 -1.14 9.93
CA LEU A 329 7.04 -1.86 10.76
C LEU A 329 7.37 -1.77 12.26
N ALA A 330 8.62 -1.47 12.59
CA ALA A 330 9.00 -1.28 13.99
C ALA A 330 8.68 0.14 14.47
N HIS A 331 8.77 1.11 13.56
CA HIS A 331 8.66 2.51 13.94
C HIS A 331 7.20 2.94 14.07
N PRO A 332 6.88 3.72 15.10
CA PRO A 332 5.47 4.02 15.39
C PRO A 332 4.77 4.93 14.38
N TYR A 333 5.53 5.60 13.51
CA TYR A 333 4.94 6.61 12.63
C TYR A 333 4.04 5.98 11.55
N GLY A 334 2.84 6.54 11.40
CA GLY A 334 2.01 6.20 10.26
C GLY A 334 1.25 4.89 10.42
N PHE A 335 0.26 4.66 9.54
CA PHE A 335 -0.36 3.36 9.42
C PHE A 335 0.21 2.62 8.21
N THR A 336 0.62 1.37 8.43
CA THR A 336 1.59 0.72 7.54
C THR A 336 0.90 -0.16 6.51
N ARG A 337 1.30 -0.01 5.25
CA ARG A 337 0.85 -0.90 4.18
C ARG A 337 2.02 -1.67 3.60
N VAL A 338 1.88 -2.98 3.54
CA VAL A 338 2.92 -3.87 3.04
C VAL A 338 2.56 -4.22 1.60
N MET A 339 3.57 -4.21 0.72
CA MET A 339 3.37 -4.50 -0.69
C MET A 339 3.43 -6.00 -0.93
N SER A 340 2.64 -6.49 -1.89
CA SER A 340 2.78 -7.87 -2.33
C SER A 340 2.63 -7.94 -3.85
N SER A 341 3.65 -8.49 -4.50
CA SER A 341 3.92 -8.19 -5.90
C SER A 341 3.87 -9.45 -6.75
N TYR A 342 3.95 -9.29 -8.07
CA TYR A 342 4.40 -10.37 -8.94
C TYR A 342 5.69 -10.01 -9.66
N ARG A 343 6.44 -11.03 -10.10
CA ARG A 343 7.64 -10.85 -10.90
C ARG A 343 7.27 -10.55 -12.33
N TRP A 344 8.07 -9.69 -12.98
CA TRP A 344 8.02 -9.53 -14.42
C TRP A 344 9.42 -9.36 -14.99
N ALA A 345 9.53 -9.50 -16.31
CA ALA A 345 10.82 -9.38 -16.99
C ALA A 345 11.17 -7.91 -17.17
N ARG A 346 12.04 -7.40 -16.31
N ARG A 346 12.03 -7.40 -16.30
CA ARG A 346 12.52 -6.03 -16.43
CA ARG A 346 12.53 -6.04 -16.45
C ARG A 346 13.50 -5.90 -17.60
C ARG A 346 13.41 -5.96 -17.69
N ASN A 347 13.41 -4.79 -18.32
CA ASN A 347 14.33 -4.52 -19.42
C ASN A 347 14.63 -3.04 -19.46
N PHE A 348 15.72 -2.66 -18.82
CA PHE A 348 16.07 -1.25 -18.68
C PHE A 348 16.80 -0.76 -19.92
N VAL A 349 16.13 0.10 -20.68
CA VAL A 349 16.79 0.92 -21.69
C VAL A 349 16.98 2.34 -21.17
N ASN A 350 18.22 2.83 -21.25
CA ASN A 350 18.57 4.14 -20.72
C ASN A 350 17.99 4.37 -19.33
N GLY A 351 17.94 3.30 -18.52
CA GLY A 351 17.46 3.41 -17.16
C GLY A 351 15.96 3.64 -17.05
N GLU A 352 15.21 3.32 -18.11
CA GLU A 352 13.78 3.08 -17.99
C GLU A 352 13.47 1.62 -18.33
N ASP A 353 12.64 1.00 -17.49
CA ASP A 353 12.13 -0.34 -17.76
C ASP A 353 11.00 -0.27 -18.80
N VAL A 354 11.30 -0.69 -20.03
CA VAL A 354 10.32 -0.58 -21.11
C VAL A 354 9.32 -1.72 -21.03
N ASN A 355 9.55 -2.63 -20.08
CA ASN A 355 8.62 -3.70 -19.79
C ASN A 355 7.76 -3.41 -18.55
N ASP A 356 7.73 -2.16 -18.11
CA ASP A 356 7.10 -1.83 -16.84
C ASP A 356 5.57 -1.89 -16.94
N TRP A 357 5.06 -2.20 -18.13
CA TRP A 357 3.63 -2.33 -18.37
C TRP A 357 3.11 -3.72 -18.04
N ILE A 358 3.99 -4.70 -17.96
CA ILE A 358 3.58 -6.09 -17.96
C ILE A 358 2.60 -6.35 -16.82
N GLY A 359 1.48 -7.00 -17.14
CA GLY A 359 0.44 -7.23 -16.17
C GLY A 359 0.67 -8.51 -15.39
N PRO A 360 -0.26 -8.89 -14.50
CA PRO A 360 -0.04 -10.01 -13.58
C PRO A 360 0.24 -11.33 -14.30
N PRO A 361 0.79 -12.32 -13.59
CA PRO A 361 0.96 -13.66 -14.15
C PRO A 361 -0.34 -14.17 -14.76
N ASN A 362 -0.26 -14.67 -15.99
CA ASN A 362 -1.47 -14.99 -16.74
C ASN A 362 -1.22 -16.08 -17.76
N ASN A 363 -2.25 -16.86 -18.05
CA ASN A 363 -2.30 -17.66 -19.28
C ASN A 363 -3.22 -16.97 -20.27
N ASN A 364 -2.62 -16.38 -21.31
CA ASN A 364 -3.37 -15.77 -22.39
C ASN A 364 -4.38 -14.77 -21.82
N GLY A 365 -3.95 -14.03 -20.80
CA GLY A 365 -4.72 -12.91 -20.33
C GLY A 365 -5.59 -13.28 -19.14
N VAL A 366 -5.68 -14.58 -18.85
CA VAL A 366 -6.39 -15.05 -17.66
C VAL A 366 -5.44 -15.14 -16.48
N ILE A 367 -5.73 -14.40 -15.41
CA ILE A 367 -4.79 -14.26 -14.31
C ILE A 367 -4.62 -15.60 -13.62
N LYS A 368 -3.37 -15.97 -13.31
CA LYS A 368 -3.08 -17.26 -12.70
C LYS A 368 -3.50 -17.28 -11.24
N GLU A 369 -3.94 -18.44 -10.76
CA GLU A 369 -4.16 -18.63 -9.34
C GLU A 369 -2.86 -18.47 -8.55
N VAL A 370 -2.99 -18.12 -7.28
CA VAL A 370 -1.86 -18.13 -6.38
C VAL A 370 -1.71 -19.52 -5.77
N THR A 371 -0.62 -20.20 -6.11
CA THR A 371 -0.33 -21.49 -5.50
C THR A 371 0.60 -21.33 -4.30
N ILE A 372 0.39 -22.14 -3.28
CA ILE A 372 1.19 -22.10 -2.07
C ILE A 372 2.10 -23.32 -1.99
N ASN A 373 3.39 -23.09 -1.80
CA ASN A 373 4.37 -24.17 -1.73
C ASN A 373 4.54 -24.64 -0.28
N ALA A 374 5.20 -25.79 -0.11
CA ALA A 374 5.33 -26.41 1.21
C ALA A 374 6.05 -25.48 2.18
N ASP A 375 6.96 -24.66 1.67
CA ASP A 375 7.73 -23.75 2.52
C ASP A 375 7.01 -22.40 2.72
N THR A 376 5.77 -22.34 2.26
CA THR A 376 4.86 -21.19 2.44
C THR A 376 5.15 -20.02 1.50
N THR A 377 6.10 -20.20 0.58
CA THR A 377 6.22 -19.29 -0.55
C THR A 377 5.13 -19.56 -1.59
N CYS A 378 5.03 -18.69 -2.59
CA CYS A 378 4.02 -18.85 -3.63
C CYS A 378 4.66 -19.27 -4.95
N GLY A 379 3.87 -19.93 -5.80
CA GLY A 379 4.29 -20.18 -7.16
C GLY A 379 3.67 -19.24 -8.16
N ASN A 380 3.81 -19.56 -9.45
CA ASN A 380 3.23 -18.80 -10.54
C ASN A 380 3.72 -17.35 -10.55
N ASP A 381 4.89 -17.13 -9.95
CA ASP A 381 5.59 -15.85 -10.02
C ASP A 381 4.88 -14.75 -9.25
N TRP A 382 3.98 -15.13 -8.35
CA TRP A 382 3.61 -14.25 -7.24
C TRP A 382 4.71 -14.20 -6.20
N VAL A 383 5.20 -13.00 -5.91
CA VAL A 383 6.37 -12.84 -5.05
C VAL A 383 5.99 -13.08 -3.59
N CYS A 384 4.78 -12.65 -3.21
CA CYS A 384 4.28 -12.88 -1.87
C CYS A 384 5.26 -12.44 -0.79
N GLU A 385 5.76 -11.20 -0.89
CA GLU A 385 6.63 -10.64 0.14
C GLU A 385 6.00 -10.74 1.53
N HIS A 386 4.66 -10.72 1.57
CA HIS A 386 3.96 -10.67 2.85
C HIS A 386 4.06 -12.03 3.54
N ARG A 387 4.60 -13.02 2.83
CA ARG A 387 4.83 -14.35 3.39
C ARG A 387 6.30 -14.62 3.75
N TRP A 388 7.20 -13.72 3.34
CA TRP A 388 8.59 -13.79 3.80
C TRP A 388 8.62 -13.73 5.33
N ARG A 389 9.36 -14.64 5.95
CA ARG A 389 9.39 -14.70 7.42
C ARG A 389 9.75 -13.35 8.00
N GLU A 390 10.77 -12.73 7.42
CA GLU A 390 11.30 -11.47 7.93
C GLU A 390 10.25 -10.36 7.93
N ILE A 391 9.30 -10.44 7.01
CA ILE A 391 8.27 -9.41 6.93
C ILE A 391 7.03 -9.78 7.74
N ARG A 392 6.55 -11.01 7.59
CA ARG A 392 5.37 -11.42 8.35
C ARG A 392 5.62 -11.34 9.85
N ASN A 393 6.82 -11.70 10.30
CA ASN A 393 7.13 -11.63 11.73
C ASN A 393 7.23 -10.18 12.21
N MET A 394 7.58 -9.25 11.32
CA MET A 394 7.57 -7.84 11.68
C MET A 394 6.17 -7.24 11.66
N VAL A 395 5.28 -7.78 10.83
CA VAL A 395 3.86 -7.43 10.90
C VAL A 395 3.30 -7.81 12.28
N TRP A 396 3.72 -8.97 12.78
CA TRP A 396 3.30 -9.42 14.11
C TRP A 396 3.94 -8.55 15.20
N PHE A 397 5.24 -8.28 15.06
CA PHE A 397 5.93 -7.29 15.88
C PHE A 397 5.10 -6.02 16.10
N ARG A 398 4.59 -5.44 15.01
CA ARG A 398 3.91 -4.15 15.09
C ARG A 398 2.63 -4.30 15.90
N ASN A 399 1.93 -5.41 15.72
CA ASN A 399 0.77 -5.73 16.54
C ASN A 399 1.16 -5.75 18.01
N VAL A 400 2.22 -6.50 18.32
CA VAL A 400 2.60 -6.75 19.71
C VAL A 400 2.95 -5.45 20.44
N VAL A 401 3.59 -4.51 19.74
CA VAL A 401 4.08 -3.30 20.38
C VAL A 401 3.11 -2.11 20.24
N ASP A 402 1.98 -2.36 19.59
CA ASP A 402 0.98 -1.31 19.37
C ASP A 402 0.79 -0.43 20.61
N GLY A 403 0.97 0.87 20.44
CA GLY A 403 0.66 1.80 21.50
C GLY A 403 1.87 2.17 22.34
N GLN A 404 2.95 1.41 22.19
CA GLN A 404 4.17 1.66 22.94
C GLN A 404 5.03 2.73 22.26
N PRO A 405 5.63 3.64 23.05
CA PRO A 405 6.38 4.77 22.49
C PRO A 405 7.74 4.35 21.93
N PHE A 406 8.17 5.05 20.89
CA PHE A 406 9.58 5.15 20.51
C PHE A 406 10.48 5.32 21.74
N ALA A 407 11.48 4.45 21.89
CA ALA A 407 12.34 4.47 23.07
C ALA A 407 13.73 3.94 22.77
N ASN A 408 14.70 4.32 23.59
CA ASN A 408 15.99 3.62 23.63
C ASN A 408 16.68 3.60 22.27
N TRP A 409 16.61 4.72 21.56
CA TRP A 409 17.37 4.87 20.32
C TRP A 409 18.87 4.75 20.58
N TRP A 410 19.58 4.08 19.69
CA TRP A 410 21.03 4.08 19.70
C TRP A 410 21.51 4.14 18.26
N ASP A 411 22.66 4.77 18.03
CA ASP A 411 23.35 4.62 16.75
C ASP A 411 24.85 4.78 16.92
N ASN A 412 25.61 4.34 15.92
CA ASN A 412 27.06 4.42 15.94
C ASN A 412 27.56 5.62 15.14
N GLY A 413 26.67 6.58 14.87
CA GLY A 413 27.06 7.75 14.11
C GLY A 413 27.19 7.50 12.62
N SER A 414 26.89 6.27 12.20
CA SER A 414 27.00 5.90 10.79
C SER A 414 25.72 5.18 10.36
N ASN A 415 25.80 3.86 10.17
CA ASN A 415 24.66 3.10 9.66
C ASN A 415 24.27 1.91 10.54
N GLN A 416 24.73 1.90 11.79
CA GLN A 416 24.19 0.99 12.78
C GLN A 416 23.27 1.73 13.75
N VAL A 417 22.03 1.27 13.86
CA VAL A 417 21.04 1.93 14.72
C VAL A 417 20.20 0.89 15.44
N ALA A 418 19.58 1.30 16.54
CA ALA A 418 18.64 0.45 17.24
C ALA A 418 17.58 1.33 17.91
N PHE A 419 16.42 0.75 18.16
CA PHE A 419 15.44 1.38 19.04
C PHE A 419 14.39 0.38 19.50
N GLY A 420 13.60 0.79 20.49
CA GLY A 420 12.60 -0.09 21.04
C GLY A 420 11.23 0.54 21.01
N ARG A 421 10.23 -0.24 21.39
CA ARG A 421 8.88 0.29 21.57
C ARG A 421 8.43 0.00 22.99
N GLY A 422 8.44 1.04 23.83
CA GLY A 422 8.20 0.85 25.25
C GLY A 422 8.98 -0.33 25.82
N ASN A 423 8.29 -1.20 26.53
CA ASN A 423 8.92 -2.41 27.06
C ASN A 423 8.48 -3.66 26.33
N ARG A 424 8.04 -3.52 25.09
CA ARG A 424 7.45 -4.66 24.38
C ARG A 424 8.19 -5.14 23.13
N GLY A 425 9.14 -4.35 22.64
CA GLY A 425 9.94 -4.82 21.53
C GLY A 425 11.18 -3.98 21.26
N PHE A 426 12.12 -4.56 20.52
CA PHE A 426 13.40 -3.91 20.26
C PHE A 426 13.95 -4.43 18.94
N ILE A 427 14.64 -3.56 18.20
CA ILE A 427 15.13 -3.95 16.89
C ILE A 427 16.49 -3.29 16.62
N VAL A 428 17.37 -4.02 15.94
CA VAL A 428 18.77 -3.61 15.80
C VAL A 428 19.22 -3.83 14.35
N PHE A 429 19.83 -2.81 13.75
CA PHE A 429 20.20 -2.84 12.34
C PHE A 429 21.70 -2.61 12.19
N ASN A 430 22.35 -3.38 11.33
CA ASN A 430 23.69 -3.06 10.84
C ASN A 430 23.68 -2.86 9.33
N ASN A 431 23.73 -1.61 8.89
CA ASN A 431 23.83 -1.33 7.45
C ASN A 431 25.16 -0.66 7.12
N ASP A 432 26.16 -0.87 7.99
CA ASP A 432 27.52 -0.43 7.70
C ASP A 432 28.31 -1.57 7.07
N ASP A 433 29.44 -1.22 6.46
CA ASP A 433 30.31 -2.22 5.82
C ASP A 433 31.33 -2.78 6.82
N TRP A 434 30.92 -2.92 8.08
CA TRP A 434 31.74 -3.62 9.06
C TRP A 434 30.88 -4.19 10.19
N GLN A 435 31.53 -4.87 11.12
CA GLN A 435 30.83 -5.67 12.12
C GLN A 435 30.06 -4.78 13.08
N LEU A 436 28.85 -5.20 13.44
CA LEU A 436 28.15 -4.67 14.61
C LEU A 436 28.41 -5.58 15.80
N SER A 437 28.89 -5.00 16.90
CA SER A 437 29.08 -5.75 18.13
C SER A 437 28.97 -4.84 19.34
N SER A 438 27.78 -4.78 19.92
CA SER A 438 27.49 -3.78 20.95
C SER A 438 26.53 -4.37 21.97
N THR A 439 26.68 -3.92 23.22
CA THR A 439 25.70 -4.21 24.24
C THR A 439 24.78 -3.01 24.44
N LEU A 440 23.49 -3.22 24.18
CA LEU A 440 22.54 -2.11 24.11
C LEU A 440 21.41 -2.30 25.12
N GLN A 441 20.88 -1.19 25.61
CA GLN A 441 19.66 -1.20 26.40
C GLN A 441 18.44 -1.44 25.51
N THR A 442 17.70 -2.50 25.79
CA THR A 442 16.57 -2.91 24.95
C THR A 442 15.25 -2.37 25.47
N GLY A 443 15.22 -1.97 26.74
CA GLY A 443 13.97 -1.62 27.38
C GLY A 443 13.10 -2.80 27.76
N LEU A 444 13.57 -4.01 27.48
CA LEU A 444 12.77 -5.22 27.68
C LEU A 444 13.09 -5.88 29.02
N PRO A 445 12.10 -6.57 29.62
CA PRO A 445 12.36 -7.45 30.77
C PRO A 445 13.44 -8.49 30.46
N GLY A 446 14.30 -8.72 31.45
CA GLY A 446 15.30 -9.77 31.31
C GLY A 446 14.69 -11.08 30.87
N GLY A 447 15.45 -11.85 30.08
CA GLY A 447 14.95 -13.12 29.60
C GLY A 447 15.62 -13.52 28.30
N THR A 448 15.18 -14.64 27.73
CA THR A 448 15.71 -15.09 26.44
C THR A 448 14.64 -14.94 25.36
N TYR A 449 14.96 -14.18 24.31
CA TYR A 449 14.00 -13.85 23.27
C TYR A 449 14.45 -14.44 21.94
N CYS A 450 13.52 -15.07 21.22
CA CYS A 450 13.80 -15.49 19.85
C CYS A 450 13.88 -14.25 18.95
N ASP A 451 14.95 -14.17 18.16
CA ASP A 451 14.99 -13.25 17.03
C ASP A 451 13.99 -13.70 15.99
N VAL A 452 13.05 -12.82 15.62
CA VAL A 452 11.97 -13.19 14.71
C VAL A 452 12.30 -12.84 13.27
N ILE A 453 13.51 -12.32 13.05
CA ILE A 453 14.04 -12.17 11.69
C ILE A 453 14.66 -13.45 11.17
N SER A 454 15.51 -14.07 12.00
CA SER A 454 16.19 -15.30 11.60
C SER A 454 15.33 -16.54 11.82
N GLY A 455 14.30 -16.42 12.65
CA GLY A 455 13.56 -17.60 13.06
C GLY A 455 12.24 -17.31 13.73
N ASP A 456 11.72 -18.30 14.47
CA ASP A 456 10.45 -18.19 15.18
C ASP A 456 10.57 -18.81 16.56
N LYS A 457 9.71 -18.38 17.47
CA LYS A 457 9.46 -19.16 18.68
C LYS A 457 8.55 -20.35 18.38
N VAL A 458 9.04 -21.54 18.64
CA VAL A 458 8.21 -22.75 18.49
C VAL A 458 8.23 -23.55 19.77
N GLY A 459 7.06 -23.70 20.38
CA GLY A 459 6.99 -24.16 21.75
C GLY A 459 7.91 -23.35 22.65
N ASN A 460 8.79 -24.03 23.36
CA ASN A 460 9.71 -23.35 24.25
C ASN A 460 11.11 -23.29 23.63
N SER A 461 11.15 -23.18 22.30
CA SER A 461 12.41 -23.11 21.57
C SER A 461 12.42 -21.93 20.60
N CYS A 462 13.62 -21.52 20.18
CA CYS A 462 13.77 -20.66 19.01
C CYS A 462 14.37 -21.45 17.85
N THR A 463 13.89 -21.22 16.63
CA THR A 463 14.46 -21.85 15.46
C THR A 463 15.66 -21.09 14.92
N GLY A 464 15.82 -19.84 15.34
CA GLY A 464 16.92 -19.03 14.84
C GLY A 464 17.81 -18.49 15.95
N ILE A 465 18.26 -17.25 15.78
CA ILE A 465 19.11 -16.60 16.78
C ILE A 465 18.35 -16.38 18.09
N LYS A 466 19.05 -16.55 19.21
CA LYS A 466 18.49 -16.24 20.52
C LYS A 466 19.17 -15.02 21.11
N VAL A 467 18.38 -14.14 21.73
CA VAL A 467 18.93 -12.96 22.38
C VAL A 467 18.76 -13.07 23.89
N TYR A 468 19.87 -13.15 24.61
CA TYR A 468 19.79 -13.18 26.06
C TYR A 468 19.84 -11.77 26.64
N VAL A 469 18.73 -11.37 27.27
CA VAL A 469 18.63 -10.02 27.82
C VAL A 469 18.86 -10.07 29.31
N SER A 470 19.77 -9.21 29.78
CA SER A 470 20.14 -9.15 31.18
C SER A 470 19.01 -8.64 32.07
N SER A 471 19.17 -8.82 33.38
CA SER A 471 18.26 -8.23 34.34
C SER A 471 18.07 -6.73 34.12
N ASP A 472 19.12 -6.04 33.74
CA ASP A 472 19.06 -4.60 33.61
C ASP A 472 18.58 -4.16 32.22
N GLY A 473 18.20 -5.14 31.39
CA GLY A 473 17.59 -4.81 30.11
C GLY A 473 18.58 -4.74 28.95
N THR A 474 19.87 -4.90 29.22
CA THR A 474 20.85 -4.88 28.15
C THR A 474 21.07 -6.26 27.52
N ALA A 475 21.51 -6.27 26.27
CA ALA A 475 21.88 -7.52 25.60
C ALA A 475 22.95 -7.20 24.56
N GLN A 476 23.77 -8.18 24.23
CA GLN A 476 24.70 -8.03 23.12
C GLN A 476 24.01 -8.38 21.81
N PHE A 477 24.25 -7.57 20.80
CA PHE A 477 23.90 -7.91 19.44
C PHE A 477 25.15 -7.97 18.61
N SER A 478 25.36 -9.09 17.94
CA SER A 478 26.50 -9.26 17.06
C SER A 478 26.01 -9.61 15.67
N ILE A 479 26.21 -8.69 14.72
CA ILE A 479 25.66 -8.83 13.37
C ILE A 479 26.76 -8.48 12.37
N SER A 480 27.18 -9.47 11.59
CA SER A 480 28.15 -9.23 10.54
C SER A 480 27.52 -8.46 9.38
N ASN A 481 28.30 -7.62 8.72
CA ASN A 481 27.82 -6.92 7.54
C ASN A 481 27.60 -7.89 6.37
N SER A 482 28.04 -9.13 6.53
CA SER A 482 27.78 -10.12 5.49
C SER A 482 26.64 -11.06 5.86
N ALA A 483 25.98 -10.80 6.98
CA ALA A 483 24.75 -11.52 7.32
C ALA A 483 23.71 -11.37 6.22
N GLU A 484 23.00 -12.45 5.93
CA GLU A 484 21.92 -12.44 4.94
C GLU A 484 20.85 -11.40 5.27
N ASP A 485 20.44 -11.38 6.55
CA ASP A 485 19.58 -10.32 7.06
C ASP A 485 20.28 -9.62 8.22
N PRO A 486 20.84 -8.43 7.97
CA PRO A 486 21.69 -7.76 8.96
C PRO A 486 20.88 -6.98 9.99
N PHE A 487 19.80 -7.59 10.49
CA PHE A 487 19.07 -6.99 11.60
C PHE A 487 18.35 -8.03 12.44
N ILE A 488 18.11 -7.67 13.69
CA ILE A 488 17.54 -8.57 14.69
C ILE A 488 16.38 -7.85 15.36
N ALA A 489 15.32 -8.59 15.67
CA ALA A 489 14.13 -8.00 16.28
C ALA A 489 13.55 -8.98 17.28
N ILE A 490 13.20 -8.48 18.46
CA ILE A 490 12.61 -9.32 19.50
C ILE A 490 11.44 -8.57 20.12
N HIS A 491 10.46 -9.30 20.65
CA HIS A 491 9.33 -8.67 21.30
C HIS A 491 8.70 -9.56 22.35
N ALA A 492 7.72 -9.03 23.08
CA ALA A 492 7.20 -9.68 24.26
C ALA A 492 6.75 -11.10 23.96
N GLU A 493 6.23 -11.33 22.76
CA GLU A 493 5.65 -12.64 22.46
C GLU A 493 6.65 -13.58 21.78
N SER A 494 7.89 -13.14 21.63
CA SER A 494 8.95 -14.06 21.19
C SER A 494 9.85 -14.46 22.36
N LYS A 495 9.47 -14.05 23.57
CA LYS A 495 10.19 -14.41 24.78
C LYS A 495 9.90 -15.85 25.21
N LEU A 496 10.95 -16.59 25.54
CA LEU A 496 10.82 -17.95 26.04
C LEU A 496 10.37 -17.94 27.49
#